data_5SAR
#
_entry.id   5SAR
#
_cell.length_a   45.230
_cell.length_b   73.150
_cell.length_c   52.770
_cell.angle_alpha   90.000
_cell.angle_beta   109.526
_cell.angle_gamma   90.000
#
_symmetry.space_group_name_H-M   'P 1 21 1'
#
loop_
_entity.id
_entity.type
_entity.pdbx_description
1 polymer Endothiapepsin
2 non-polymer '(1,4-phenylene)bis(methylene) dicarbamimidothioate'
3 water water
#
_entity_poly.entity_id   1
_entity_poly.type   'polypeptide(L)'
_entity_poly.pdbx_seq_one_letter_code
;MSSPLKNALVTAMLAGGALSSPTKQHVGIPVNASPEVGPGKYSFKQVRNPNYKFNGPLSVKKTYLKYGVPIPAWLEDAVQ
NSTSGLAERSTGSATTTPIDSLDDAYITPVQIGTPAQTLNLDFDTGSSDLWVFSSETTASEVDGQTIYTPSKSTTAKLLS
GATWSISYGDGSSSSGDVYTDTVSVGGLTVTGQAVESAKKVSSSFTEDSTIDGLLGLAFSTLNTVSPTQQKTFFDNAKAS
LDSPVFTADLGYHAPGTYNFGFIDTTAYTGSITYTAVSTKQGFWEWTSTGYAVGSGTFKSTSIDGIADTGTTLLYLPATV
VSAYWAQVSGAKSSSSVGGYVFPCSATLPSFTFGVGSARIVIPGDYIDFGPISTGSSSCFGGIQSSAGIGINIFGDVALK
AAFVVFNGATTPTLGFASK
;
_entity_poly.pdbx_strand_id   A
#
# COMPACT_ATOMS: atom_id res chain seq x y z
N SER A 90 -7.30 -15.59 -17.02
CA SER A 90 -6.11 -14.73 -17.26
C SER A 90 -5.38 -14.48 -15.95
N THR A 91 -4.14 -14.01 -16.08
CA THR A 91 -3.31 -13.59 -14.97
C THR A 91 -2.49 -12.37 -15.38
N GLY A 92 -1.90 -11.70 -14.38
CA GLY A 92 -0.88 -10.71 -14.63
C GLY A 92 0.19 -10.80 -13.55
N SER A 93 1.39 -10.28 -13.86
CA SER A 93 2.50 -10.34 -12.92
C SER A 93 3.38 -9.13 -13.21
N ALA A 94 3.59 -8.25 -12.22
CA ALA A 94 4.39 -7.06 -12.43
C ALA A 94 5.33 -6.89 -11.26
N THR A 95 6.54 -6.39 -11.56
CA THR A 95 7.51 -6.11 -10.52
C THR A 95 7.22 -4.76 -9.90
N THR A 96 7.35 -4.71 -8.56
CA THR A 96 7.19 -3.48 -7.81
C THR A 96 8.53 -3.13 -7.17
N THR A 97 8.91 -1.85 -7.22
CA THR A 97 10.26 -1.41 -6.90
C THR A 97 10.20 -0.29 -5.87
N PRO A 98 11.04 -0.32 -4.82
CA PRO A 98 11.05 0.81 -3.88
CA PRO A 98 11.07 0.80 -3.87
C PRO A 98 11.45 2.10 -4.57
N ILE A 99 10.86 3.22 -4.15
CA ILE A 99 11.16 4.50 -4.80
C ILE A 99 12.50 5.06 -4.36
N ASP A 100 13.02 4.60 -3.22
CA ASP A 100 14.23 5.14 -2.63
C ASP A 100 14.87 4.09 -1.75
N SER A 101 16.01 4.42 -1.14
CA SER A 101 16.81 3.47 -0.37
C SER A 101 16.19 3.09 0.96
N LEU A 102 15.09 3.73 1.35
CA LEU A 102 14.44 3.46 2.60
C LEU A 102 13.10 2.76 2.42
N ASP A 103 12.74 2.41 1.20
CA ASP A 103 11.46 1.75 0.94
C ASP A 103 10.31 2.66 1.38
N ASP A 104 10.40 3.94 1.06
CA ASP A 104 9.34 4.84 1.51
C ASP A 104 8.01 4.59 0.80
N ALA A 105 8.05 4.00 -0.40
CA ALA A 105 6.87 3.59 -1.15
C ALA A 105 7.40 2.71 -2.28
N TYR A 106 6.47 2.08 -2.99
CA TYR A 106 6.80 1.14 -4.04
C TYR A 106 6.04 1.56 -5.29
N ILE A 107 6.69 1.48 -6.45
CA ILE A 107 6.07 1.79 -7.73
C ILE A 107 6.06 0.59 -8.66
N THR A 108 4.98 0.49 -9.44
CA THR A 108 4.74 -0.61 -10.34
C THR A 108 4.36 -0.02 -11.68
N PRO A 109 4.96 -0.47 -12.78
CA PRO A 109 4.63 0.10 -14.10
C PRO A 109 3.26 -0.39 -14.55
N VAL A 110 2.50 0.54 -15.15
CA VAL A 110 1.12 0.31 -15.57
C VAL A 110 0.97 0.92 -16.97
N GLN A 111 0.44 0.14 -17.91
CA GLN A 111 0.20 0.60 -19.28
C GLN A 111 -1.20 1.16 -19.38
N ILE A 112 -1.34 2.39 -19.87
CA ILE A 112 -2.62 3.06 -20.01
C ILE A 112 -2.78 3.55 -21.44
N GLY A 113 -3.89 3.21 -22.08
CA GLY A 113 -4.20 3.78 -23.38
C GLY A 113 -3.63 3.03 -24.55
N THR A 114 -3.92 3.58 -25.74
CA THR A 114 -3.52 3.01 -27.02
C THR A 114 -2.99 4.13 -27.92
N PRO A 115 -1.71 4.12 -28.31
CA PRO A 115 -0.67 3.19 -27.85
C PRO A 115 -0.45 3.35 -26.35
N ALA A 116 0.20 2.37 -25.76
CA ALA A 116 0.39 2.38 -24.33
C ALA A 116 1.20 3.59 -23.90
N GLN A 117 0.79 4.15 -22.78
CA GLN A 117 1.53 5.13 -22.01
C GLN A 117 1.85 4.47 -20.68
N THR A 118 3.13 4.28 -20.38
CA THR A 118 3.51 3.59 -19.16
C THR A 118 3.79 4.58 -18.05
N LEU A 119 3.03 4.46 -16.96
CA LEU A 119 3.21 5.27 -15.78
C LEU A 119 3.56 4.39 -14.60
N ASN A 120 4.31 4.92 -13.65
CA ASN A 120 4.72 4.17 -12.46
C ASN A 120 3.81 4.55 -11.31
N LEU A 121 2.93 3.60 -10.93
CA LEU A 121 1.89 3.89 -9.95
C LEU A 121 2.18 3.22 -8.62
N ASP A 122 1.66 3.84 -7.57
CA ASP A 122 1.74 3.31 -6.21
C ASP A 122 0.48 2.49 -5.95
N PHE A 123 0.65 1.17 -5.91
CA PHE A 123 -0.45 0.25 -5.68
C PHE A 123 -0.83 0.31 -4.20
N ASP A 124 -2.08 0.62 -3.94
CA ASP A 124 -2.54 1.07 -2.61
C ASP A 124 -3.76 0.25 -2.18
N THR A 125 -3.55 -0.78 -1.37
CA THR A 125 -4.66 -1.58 -0.90
C THR A 125 -5.51 -0.88 0.17
N GLY A 126 -5.18 0.37 0.51
CA GLY A 126 -5.97 1.19 1.40
C GLY A 126 -6.82 2.25 0.74
N SER A 127 -6.89 2.28 -0.59
CA SER A 127 -7.81 3.17 -1.28
C SER A 127 -8.28 2.53 -2.57
N SER A 128 -9.19 3.22 -3.28
CA SER A 128 -9.93 2.58 -4.36
C SER A 128 -10.06 3.41 -5.63
N ASP A 129 -9.15 4.38 -5.81
CA ASP A 129 -9.10 5.21 -7.00
C ASP A 129 -7.82 4.94 -7.76
N LEU A 130 -7.92 4.87 -9.08
CA LEU A 130 -6.78 4.80 -10.00
C LEU A 130 -6.68 6.20 -10.58
N TRP A 131 -5.71 6.97 -10.13
CA TRP A 131 -5.57 8.33 -10.58
C TRP A 131 -4.12 8.58 -11.02
N VAL A 132 -3.98 9.49 -11.97
CA VAL A 132 -2.71 9.74 -12.61
C VAL A 132 -2.45 11.22 -12.79
N PHE A 133 -1.18 11.60 -12.71
CA PHE A 133 -0.72 12.87 -13.27
C PHE A 133 -1.04 12.86 -14.76
N SER A 134 -1.40 14.01 -15.31
CA SER A 134 -1.91 14.03 -16.65
C SER A 134 -1.57 15.37 -17.31
N SER A 135 -1.89 15.41 -18.61
CA SER A 135 -1.80 16.64 -19.36
C SER A 135 -2.76 17.71 -18.85
N GLU A 136 -3.71 17.36 -17.99
CA GLU A 136 -4.63 18.31 -17.41
C GLU A 136 -4.14 18.82 -16.08
N THR A 137 -3.09 18.22 -15.51
CA THR A 137 -2.63 18.66 -14.20
C THR A 137 -2.04 20.06 -14.29
N THR A 138 -2.47 20.94 -13.38
CA THR A 138 -1.89 22.27 -13.26
C THR A 138 -0.38 22.22 -13.46
N ALA A 139 0.14 23.02 -14.41
CA ALA A 139 1.53 22.88 -14.85
C ALA A 139 2.54 23.02 -13.71
N SER A 140 2.34 23.99 -12.83
CA SER A 140 3.23 24.26 -11.69
C SER A 140 3.22 23.14 -10.66
N GLU A 141 2.27 22.23 -10.75
CA GLU A 141 2.16 21.10 -9.82
C GLU A 141 2.76 19.82 -10.38
N VAL A 142 3.35 19.88 -11.57
CA VAL A 142 4.07 18.76 -12.17
C VAL A 142 5.56 19.09 -12.11
N ASP A 143 6.33 18.14 -11.55
CA ASP A 143 7.78 18.33 -11.44
C ASP A 143 8.46 16.96 -11.61
N GLY A 144 8.53 16.52 -12.85
CA GLY A 144 9.29 15.34 -13.20
C GLY A 144 8.47 14.08 -13.36
N GLN A 145 7.20 14.05 -12.96
CA GLN A 145 6.36 12.88 -13.15
C GLN A 145 6.08 12.66 -14.63
N THR A 146 5.85 11.39 -14.97
CA THR A 146 5.33 11.05 -16.28
C THR A 146 3.83 11.25 -16.27
N ILE A 147 3.32 11.88 -17.33
CA ILE A 147 1.91 12.20 -17.41
C ILE A 147 1.18 11.33 -18.43
N TYR A 148 -0.10 11.09 -18.13
CA TYR A 148 -1.04 10.51 -19.07
C TYR A 148 -1.67 11.63 -19.89
N THR A 149 -1.66 11.46 -21.21
CA THR A 149 -2.26 12.42 -22.14
C THR A 149 -3.42 11.71 -22.83
N PRO A 150 -4.66 11.87 -22.35
CA PRO A 150 -5.77 11.10 -22.95
C PRO A 150 -5.99 11.43 -24.42
N SER A 151 -5.69 12.66 -24.86
CA SER A 151 -5.93 13.02 -26.24
C SER A 151 -5.05 12.22 -27.20
N LYS A 152 -3.99 11.60 -26.70
N LYS A 152 -3.98 11.60 -26.71
CA LYS A 152 -3.10 10.77 -27.51
CA LYS A 152 -3.12 10.77 -27.54
C LYS A 152 -3.45 9.30 -27.45
C LYS A 152 -3.49 9.30 -27.50
N SER A 153 -4.53 8.93 -26.76
CA SER A 153 -4.98 7.55 -26.65
C SER A 153 -6.26 7.39 -27.45
N THR A 154 -6.22 6.51 -28.43
CA THR A 154 -7.37 6.29 -29.29
C THR A 154 -8.49 5.52 -28.61
N THR A 155 -8.21 4.92 -27.46
CA THR A 155 -9.22 4.22 -26.68
C THR A 155 -9.75 5.04 -25.52
N ALA A 156 -9.21 6.24 -25.27
CA ALA A 156 -9.70 7.05 -24.16
C ALA A 156 -11.04 7.70 -24.49
N LYS A 157 -11.91 7.74 -23.49
N LYS A 157 -11.93 7.74 -23.51
CA LYS A 157 -13.22 8.37 -23.60
CA LYS A 157 -13.22 8.40 -23.64
C LYS A 157 -13.45 9.16 -22.32
C LYS A 157 -13.52 9.14 -22.34
N LEU A 158 -13.85 10.42 -22.45
CA LEU A 158 -14.20 11.21 -21.28
C LEU A 158 -15.46 10.59 -20.66
N LEU A 159 -15.44 10.40 -19.34
CA LEU A 159 -16.63 9.93 -18.61
C LEU A 159 -17.39 11.19 -18.27
N SER A 160 -18.47 11.44 -19.01
CA SER A 160 -19.15 12.71 -18.97
CA SER A 160 -19.15 12.73 -18.98
C SER A 160 -19.67 13.04 -17.58
N GLY A 161 -19.28 14.22 -17.09
CA GLY A 161 -19.79 14.71 -15.83
C GLY A 161 -19.12 14.17 -14.60
N ALA A 162 -18.18 13.27 -14.75
CA ALA A 162 -17.61 12.62 -13.59
C ALA A 162 -16.41 13.39 -13.06
N THR A 163 -16.35 13.52 -11.75
CA THR A 163 -15.21 14.11 -11.07
C THR A 163 -14.81 13.23 -9.90
N TRP A 164 -13.66 13.52 -9.35
CA TRP A 164 -13.15 12.78 -8.20
C TRP A 164 -12.34 13.71 -7.33
N SER A 165 -12.18 13.31 -6.07
CA SER A 165 -11.42 14.10 -5.11
C SER A 165 -11.13 13.20 -3.93
N ILE A 166 -9.86 13.10 -3.54
CA ILE A 166 -9.48 12.15 -2.51
C ILE A 166 -8.40 12.75 -1.62
N SER A 167 -8.36 12.28 -0.37
CA SER A 167 -7.36 12.61 0.63
C SER A 167 -6.70 11.34 1.15
N TYR A 168 -5.46 11.46 1.60
CA TYR A 168 -4.68 10.33 2.06
C TYR A 168 -4.27 10.54 3.52
N GLY A 169 -3.81 9.44 4.14
CA GLY A 169 -3.54 9.44 5.57
C GLY A 169 -2.55 10.50 6.00
N ASP A 170 -1.69 10.95 5.09
CA ASP A 170 -0.70 11.96 5.39
C ASP A 170 -1.19 13.38 5.15
N GLY A 171 -2.46 13.55 4.82
CA GLY A 171 -2.99 14.86 4.51
C GLY A 171 -2.79 15.31 3.08
N SER A 172 -2.17 14.51 2.23
CA SER A 172 -2.11 14.88 0.82
C SER A 172 -3.46 14.62 0.14
N SER A 173 -3.61 15.16 -1.06
CA SER A 173 -4.88 15.09 -1.76
C SER A 173 -4.67 15.35 -3.24
N SER A 174 -5.68 14.98 -4.01
CA SER A 174 -5.69 15.24 -5.45
C SER A 174 -7.14 15.18 -5.93
N SER A 175 -7.39 15.73 -7.12
CA SER A 175 -8.74 15.79 -7.67
C SER A 175 -8.69 16.02 -9.18
N GLY A 176 -9.80 15.71 -9.86
CA GLY A 176 -9.85 16.00 -11.28
C GLY A 176 -11.07 15.42 -11.94
N ASP A 177 -10.91 15.04 -13.21
CA ASP A 177 -11.96 14.46 -14.06
C ASP A 177 -11.60 13.01 -14.40
N VAL A 178 -12.41 12.38 -15.24
CA VAL A 178 -12.33 10.92 -15.38
C VAL A 178 -12.46 10.54 -16.86
N TYR A 179 -11.60 9.63 -17.28
CA TYR A 179 -11.67 8.96 -18.57
C TYR A 179 -11.88 7.47 -18.33
N THR A 180 -12.42 6.78 -19.33
CA THR A 180 -12.24 5.34 -19.36
C THR A 180 -11.21 5.02 -20.44
N ASP A 181 -10.39 4.00 -20.17
CA ASP A 181 -9.36 3.62 -21.13
C ASP A 181 -8.93 2.19 -20.81
N THR A 182 -8.08 1.66 -21.67
CA THR A 182 -7.52 0.33 -21.47
C THR A 182 -6.33 0.41 -20.56
N VAL A 183 -6.30 -0.45 -19.54
CA VAL A 183 -5.24 -0.45 -18.53
C VAL A 183 -4.72 -1.87 -18.43
N SER A 184 -3.40 -2.03 -18.50
CA SER A 184 -2.77 -3.33 -18.37
C SER A 184 -1.73 -3.29 -17.26
N VAL A 185 -1.71 -4.36 -16.46
CA VAL A 185 -0.72 -4.53 -15.39
C VAL A 185 -0.08 -5.89 -15.60
N GLY A 186 1.19 -5.91 -15.92
CA GLY A 186 1.88 -7.18 -15.96
C GLY A 186 1.28 -8.17 -16.92
N GLY A 187 0.73 -7.68 -18.04
CA GLY A 187 0.14 -8.57 -19.02
C GLY A 187 -1.35 -8.84 -18.86
N LEU A 188 -1.98 -8.38 -17.79
CA LEU A 188 -3.43 -8.48 -17.57
C LEU A 188 -4.08 -7.18 -18.00
N THR A 189 -5.05 -7.27 -18.90
CA THR A 189 -5.68 -6.10 -19.49
C THR A 189 -7.15 -5.95 -19.12
N VAL A 190 -7.53 -4.74 -18.71
CA VAL A 190 -8.92 -4.35 -18.46
C VAL A 190 -9.28 -3.27 -19.45
N THR A 191 -10.35 -3.46 -20.19
CA THR A 191 -10.89 -2.38 -21.01
C THR A 191 -11.94 -1.60 -20.22
N GLY A 192 -12.05 -0.32 -20.52
CA GLY A 192 -13.09 0.45 -19.86
C GLY A 192 -12.79 0.79 -18.41
N GLN A 193 -11.53 0.71 -17.99
CA GLN A 193 -11.17 1.08 -16.64
C GLN A 193 -11.28 2.61 -16.46
N ALA A 194 -11.86 3.04 -15.34
CA ALA A 194 -11.86 4.45 -14.98
C ALA A 194 -10.45 4.87 -14.59
N VAL A 195 -9.92 5.82 -15.34
CA VAL A 195 -8.63 6.44 -15.14
C VAL A 195 -8.91 7.87 -14.74
N GLU A 196 -8.61 8.19 -13.49
CA GLU A 196 -8.94 9.48 -12.91
C GLU A 196 -7.78 10.43 -13.18
N SER A 197 -8.01 11.43 -14.01
CA SER A 197 -6.97 12.35 -14.42
C SER A 197 -6.91 13.53 -13.47
N ALA A 198 -5.75 13.78 -12.87
CA ALA A 198 -5.63 14.86 -11.92
C ALA A 198 -5.59 16.21 -12.61
N LYS A 199 -6.45 17.11 -12.14
CA LYS A 199 -6.32 18.53 -12.43
C LYS A 199 -5.51 19.26 -11.35
N LYS A 200 -5.58 18.79 -10.11
CA LYS A 200 -4.89 19.37 -8.97
C LYS A 200 -4.28 18.26 -8.15
N VAL A 201 -3.05 18.46 -7.68
CA VAL A 201 -2.44 17.60 -6.69
C VAL A 201 -1.82 18.47 -5.60
N SER A 202 -1.75 17.93 -4.40
CA SER A 202 -1.10 18.66 -3.33
C SER A 202 0.43 18.57 -3.41
N SER A 203 1.07 19.39 -2.56
CA SER A 203 2.50 19.63 -2.73
C SER A 203 3.34 18.39 -2.57
N SER A 204 2.92 17.46 -1.70
N SER A 204 2.95 17.49 -1.66
CA SER A 204 3.73 16.26 -1.45
CA SER A 204 3.76 16.30 -1.48
C SER A 204 3.74 15.35 -2.66
C SER A 204 3.80 15.47 -2.75
N PHE A 205 2.67 15.38 -3.46
CA PHE A 205 2.69 14.65 -4.73
C PHE A 205 3.61 15.34 -5.71
N THR A 206 3.49 16.67 -5.86
CA THR A 206 4.39 17.37 -6.77
C THR A 206 5.85 17.10 -6.45
N GLU A 207 6.18 17.15 -5.15
CA GLU A 207 7.55 17.03 -4.69
C GLU A 207 8.12 15.64 -4.87
N ASP A 208 7.29 14.63 -5.15
CA ASP A 208 7.77 13.28 -5.33
C ASP A 208 7.70 12.91 -6.80
N SER A 209 8.83 13.06 -7.48
CA SER A 209 8.89 12.85 -8.92
C SER A 209 8.76 11.41 -9.30
N THR A 210 8.89 10.47 -8.35
CA THR A 210 8.94 9.06 -8.71
C THR A 210 7.56 8.40 -8.82
N ILE A 211 6.51 9.04 -8.29
CA ILE A 211 5.18 8.47 -8.26
C ILE A 211 4.29 9.23 -9.23
N ASP A 212 3.80 8.52 -10.25
CA ASP A 212 3.00 9.12 -11.30
C ASP A 212 1.51 9.02 -11.02
N GLY A 213 1.12 8.43 -9.90
CA GLY A 213 -0.27 8.28 -9.53
C GLY A 213 -0.41 7.05 -8.64
N LEU A 214 -1.66 6.75 -8.30
N LEU A 214 -1.67 6.74 -8.39
CA LEU A 214 -1.98 5.63 -7.43
CA LEU A 214 -2.08 5.69 -7.46
C LEU A 214 -2.95 4.68 -8.12
C LEU A 214 -2.92 4.67 -8.21
N LEU A 215 -2.83 3.41 -7.79
CA LEU A 215 -3.75 2.38 -8.25
C LEU A 215 -4.37 1.73 -7.01
N GLY A 216 -5.63 2.06 -6.75
CA GLY A 216 -6.29 1.60 -5.55
C GLY A 216 -6.76 0.15 -5.67
N LEU A 217 -6.59 -0.61 -4.59
CA LEU A 217 -6.91 -2.01 -4.52
C LEU A 217 -7.72 -2.36 -3.27
N ALA A 218 -8.24 -1.37 -2.57
CA ALA A 218 -9.26 -1.61 -1.54
C ALA A 218 -10.60 -1.87 -2.25
N PHE A 219 -11.70 -1.92 -1.48
CA PHE A 219 -12.99 -2.29 -2.05
C PHE A 219 -13.60 -1.09 -2.78
N SER A 220 -14.32 -1.39 -3.86
CA SER A 220 -14.82 -0.33 -4.74
C SER A 220 -15.80 0.60 -4.03
N THR A 221 -16.40 0.18 -2.92
CA THR A 221 -17.25 1.09 -2.15
C THR A 221 -16.54 2.36 -1.70
N LEU A 222 -15.19 2.40 -1.67
CA LEU A 222 -14.47 3.60 -1.30
C LEU A 222 -14.15 4.49 -2.49
N ASN A 223 -14.45 4.08 -3.72
CA ASN A 223 -14.07 4.89 -4.86
C ASN A 223 -14.77 6.25 -4.82
N THR A 224 -14.03 7.33 -5.13
CA THR A 224 -14.56 8.68 -4.92
C THR A 224 -15.24 9.29 -6.13
N VAL A 225 -15.31 8.61 -7.26
CA VAL A 225 -15.86 9.25 -8.45
C VAL A 225 -17.34 9.54 -8.22
N SER A 226 -17.77 10.72 -8.63
CA SER A 226 -19.10 11.22 -8.50
C SER A 226 -19.54 11.78 -9.85
N PRO A 227 -20.81 11.60 -10.23
CA PRO A 227 -21.90 11.04 -9.43
C PRO A 227 -22.07 9.51 -9.54
N THR A 228 -21.25 8.84 -10.34
CA THR A 228 -21.34 7.41 -10.56
C THR A 228 -20.03 6.79 -10.11
N GLN A 229 -20.08 6.06 -9.00
N GLN A 229 -20.07 6.10 -8.97
CA GLN A 229 -18.88 5.45 -8.44
CA GLN A 229 -18.90 5.42 -8.45
C GLN A 229 -18.35 4.40 -9.42
C GLN A 229 -18.33 4.48 -9.51
N GLN A 230 -17.02 4.30 -9.49
CA GLN A 230 -16.33 3.41 -10.42
C GLN A 230 -15.66 2.26 -9.69
N LYS A 231 -15.40 1.18 -10.44
CA LYS A 231 -14.75 -0.01 -9.90
C LYS A 231 -13.23 0.05 -9.99
N THR A 232 -12.57 -0.61 -9.02
CA THR A 232 -11.12 -0.77 -9.09
C THR A 232 -10.69 -1.68 -10.26
N PHE A 233 -9.40 -1.59 -10.59
CA PHE A 233 -8.80 -2.47 -11.57
C PHE A 233 -9.04 -3.94 -11.20
N PHE A 234 -8.85 -4.29 -9.93
CA PHE A 234 -9.06 -5.65 -9.51
C PHE A 234 -10.51 -6.09 -9.67
N ASP A 235 -11.47 -5.25 -9.26
N ASP A 235 -11.45 -5.28 -9.22
CA ASP A 235 -12.87 -5.64 -9.40
CA ASP A 235 -12.85 -5.62 -9.41
C ASP A 235 -13.27 -5.77 -10.87
C ASP A 235 -13.18 -5.83 -10.89
N ASN A 236 -12.72 -4.92 -11.75
CA ASN A 236 -12.98 -5.06 -13.18
C ASN A 236 -12.34 -6.30 -13.77
N ALA A 237 -11.17 -6.71 -13.29
CA ALA A 237 -10.48 -7.88 -13.83
C ALA A 237 -11.02 -9.20 -13.29
N LYS A 238 -11.73 -9.20 -12.17
N LYS A 238 -11.67 -9.19 -12.12
CA LYS A 238 -11.88 -10.40 -11.35
CA LYS A 238 -11.93 -10.39 -11.34
C LYS A 238 -12.54 -11.54 -12.11
C LYS A 238 -12.49 -11.52 -12.20
N ALA A 239 -13.59 -11.25 -12.90
CA ALA A 239 -14.35 -12.30 -13.55
C ALA A 239 -13.48 -13.06 -14.54
N SER A 240 -12.46 -12.40 -15.09
CA SER A 240 -11.55 -12.95 -16.09
C SER A 240 -10.37 -13.69 -15.48
N LEU A 241 -10.09 -13.50 -14.20
CA LEU A 241 -8.92 -14.08 -13.59
C LEU A 241 -9.07 -15.58 -13.36
N ASP A 242 -7.95 -16.27 -13.37
CA ASP A 242 -7.99 -17.70 -13.13
C ASP A 242 -8.53 -18.00 -11.71
N SER A 243 -8.17 -17.16 -10.74
CA SER A 243 -8.66 -17.21 -9.36
CA SER A 243 -8.66 -17.21 -9.37
C SER A 243 -8.84 -15.76 -8.95
N PRO A 244 -9.88 -15.43 -8.16
CA PRO A 244 -10.20 -14.02 -7.88
C PRO A 244 -9.36 -13.44 -6.76
N VAL A 245 -8.04 -13.36 -6.99
CA VAL A 245 -7.07 -12.99 -5.97
C VAL A 245 -6.02 -12.09 -6.60
N PHE A 246 -5.35 -11.33 -5.74
CA PHE A 246 -4.07 -10.76 -6.09
C PHE A 246 -3.14 -10.98 -4.90
N THR A 247 -1.82 -10.91 -5.15
CA THR A 247 -0.84 -11.12 -4.09
C THR A 247 0.17 -10.01 -4.10
N ALA A 248 0.60 -9.64 -2.89
CA ALA A 248 1.62 -8.65 -2.68
C ALA A 248 2.85 -9.32 -2.09
N ASP A 249 3.99 -9.13 -2.73
CA ASP A 249 5.27 -9.72 -2.28
C ASP A 249 6.28 -8.58 -2.35
N LEU A 250 6.24 -7.70 -1.34
CA LEU A 250 7.10 -6.54 -1.33
C LEU A 250 8.50 -6.92 -0.86
N GLY A 251 9.50 -6.29 -1.46
CA GLY A 251 10.87 -6.54 -1.06
C GLY A 251 11.37 -5.58 0.01
N TYR A 252 12.35 -6.02 0.78
CA TYR A 252 13.11 -5.16 1.68
C TYR A 252 14.33 -4.67 0.93
N HIS A 253 14.36 -3.36 0.65
CA HIS A 253 15.44 -2.74 -0.07
C HIS A 253 15.73 -3.50 -1.37
N ALA A 254 14.67 -3.95 -2.04
CA ALA A 254 14.82 -4.77 -3.23
C ALA A 254 13.47 -4.84 -3.95
N PRO A 255 13.45 -5.20 -5.22
CA PRO A 255 12.18 -5.36 -5.93
C PRO A 255 11.38 -6.53 -5.40
N GLY A 256 10.09 -6.52 -5.75
CA GLY A 256 9.15 -7.53 -5.38
C GLY A 256 8.12 -7.66 -6.48
N THR A 257 6.98 -8.23 -6.18
CA THR A 257 6.02 -8.63 -7.20
C THR A 257 4.58 -8.42 -6.73
N TYR A 258 3.74 -7.91 -7.64
CA TYR A 258 2.29 -8.01 -7.55
C TYR A 258 1.81 -9.00 -8.61
N ASN A 259 1.10 -10.05 -8.19
CA ASN A 259 0.50 -11.01 -9.11
C ASN A 259 -1.03 -10.89 -9.01
N PHE A 260 -1.68 -11.10 -10.15
CA PHE A 260 -3.14 -11.11 -10.26
C PHE A 260 -3.57 -12.44 -10.82
N GLY A 261 -4.49 -13.12 -10.11
CA GLY A 261 -5.14 -14.27 -10.65
C GLY A 261 -4.54 -15.61 -10.29
N PHE A 262 -3.39 -15.64 -9.59
CA PHE A 262 -2.77 -16.90 -9.23
C PHE A 262 -1.88 -16.68 -8.03
N ILE A 263 -1.58 -17.78 -7.35
N ILE A 263 -1.64 -17.80 -7.32
CA ILE A 263 -0.70 -17.79 -6.19
CA ILE A 263 -0.69 -17.89 -6.22
C ILE A 263 0.57 -18.55 -6.58
C ILE A 263 0.57 -18.52 -6.77
N ASP A 264 1.70 -17.82 -6.60
CA ASP A 264 2.99 -18.40 -6.95
C ASP A 264 3.49 -19.19 -5.74
N THR A 265 3.38 -20.54 -5.84
CA THR A 265 3.73 -21.37 -4.71
C THR A 265 5.23 -21.45 -4.48
N THR A 266 6.05 -20.90 -5.38
CA THR A 266 7.49 -20.82 -5.14
C THR A 266 7.90 -19.56 -4.39
N ALA A 267 6.96 -18.65 -4.14
CA ALA A 267 7.31 -17.33 -3.61
C ALA A 267 7.23 -17.24 -2.08
N TYR A 268 6.93 -18.33 -1.39
CA TYR A 268 6.81 -18.30 0.05
C TYR A 268 7.26 -19.64 0.60
N THR A 269 7.54 -19.66 1.91
CA THR A 269 7.87 -20.86 2.64
C THR A 269 6.66 -21.30 3.45
N GLY A 270 6.65 -22.57 3.83
CA GLY A 270 5.57 -23.06 4.65
C GLY A 270 4.22 -22.97 3.96
N SER A 271 3.17 -22.70 4.76
N SER A 271 3.18 -22.72 4.76
CA SER A 271 1.80 -22.61 4.29
CA SER A 271 1.81 -22.59 4.28
C SER A 271 1.28 -21.19 4.47
C SER A 271 1.33 -21.15 4.40
N ILE A 272 0.26 -20.86 3.68
CA ILE A 272 -0.45 -19.60 3.81
C ILE A 272 -1.54 -19.80 4.84
N THR A 273 -1.59 -18.91 5.85
CA THR A 273 -2.67 -18.90 6.83
C THR A 273 -3.65 -17.81 6.46
N TYR A 274 -4.90 -18.21 6.24
CA TYR A 274 -5.96 -17.29 5.92
C TYR A 274 -6.70 -16.82 7.17
N THR A 275 -7.22 -15.61 7.10
CA THR A 275 -7.87 -14.96 8.22
C THR A 275 -9.03 -14.10 7.69
N ALA A 276 -10.05 -13.95 8.53
CA ALA A 276 -11.28 -13.27 8.14
C ALA A 276 -11.06 -11.78 7.87
N VAL A 277 -11.86 -11.24 6.92
CA VAL A 277 -11.83 -9.83 6.56
C VAL A 277 -13.21 -9.24 6.82
N SER A 278 -13.22 -8.03 7.38
CA SER A 278 -14.40 -7.18 7.36
C SER A 278 -14.25 -6.15 6.26
N THR A 279 -15.25 -6.03 5.40
CA THR A 279 -15.27 -5.01 4.37
C THR A 279 -16.13 -3.79 4.74
N LYS A 280 -16.58 -3.72 6.00
CA LYS A 280 -17.54 -2.71 6.40
C LYS A 280 -17.01 -1.29 6.30
N GLN A 281 -15.69 -1.10 6.39
CA GLN A 281 -15.10 0.22 6.20
C GLN A 281 -14.44 0.36 4.82
N GLY A 282 -14.62 -0.64 3.94
CA GLY A 282 -14.06 -0.62 2.61
C GLY A 282 -12.61 -1.08 2.53
N PHE A 283 -12.01 -1.50 3.65
CA PHE A 283 -10.60 -1.87 3.70
C PHE A 283 -10.46 -3.39 3.80
N TRP A 284 -9.23 -3.85 3.58
CA TRP A 284 -8.85 -5.24 3.89
C TRP A 284 -8.56 -5.30 5.40
N GLU A 285 -9.63 -5.34 6.18
CA GLU A 285 -9.56 -5.18 7.62
C GLU A 285 -9.64 -6.56 8.26
N TRP A 286 -8.71 -6.84 9.17
CA TRP A 286 -8.56 -8.16 9.75
C TRP A 286 -8.13 -8.00 11.22
N THR A 287 -8.03 -9.13 11.94
CA THR A 287 -7.63 -9.11 13.33
C THR A 287 -6.42 -10.00 13.56
N SER A 288 -5.30 -9.39 13.89
CA SER A 288 -4.12 -10.12 14.30
C SER A 288 -4.32 -10.70 15.68
N THR A 289 -3.72 -11.86 15.91
CA THR A 289 -3.89 -12.59 17.17
C THR A 289 -2.85 -12.24 18.23
N GLY A 290 -1.89 -11.36 17.95
CA GLY A 290 -1.01 -10.85 18.97
C GLY A 290 0.36 -10.52 18.42
N TYR A 291 1.31 -10.37 19.35
CA TYR A 291 2.63 -9.93 18.96
C TYR A 291 3.69 -10.41 19.93
N ALA A 292 4.95 -10.34 19.48
CA ALA A 292 6.12 -10.52 20.32
C ALA A 292 7.17 -9.51 19.90
N VAL A 293 8.01 -9.14 20.86
CA VAL A 293 9.14 -8.24 20.62
C VAL A 293 10.43 -9.05 20.74
N GLY A 294 11.22 -9.07 19.68
CA GLY A 294 12.47 -9.83 19.69
C GLY A 294 12.21 -11.26 20.06
N SER A 295 13.03 -11.79 20.96
CA SER A 295 12.91 -13.17 21.41
CA SER A 295 12.92 -13.17 21.42
C SER A 295 11.93 -13.33 22.57
N GLY A 296 11.15 -12.30 22.87
CA GLY A 296 10.25 -12.34 24.00
C GLY A 296 9.03 -13.22 23.77
N THR A 297 8.28 -13.42 24.85
CA THR A 297 7.12 -14.29 24.77
C THR A 297 6.01 -13.61 23.97
N PHE A 298 5.24 -14.44 23.29
CA PHE A 298 4.14 -13.94 22.47
C PHE A 298 2.97 -13.52 23.38
N LYS A 299 2.43 -12.34 23.14
CA LYS A 299 1.28 -11.81 23.83
C LYS A 299 0.05 -12.02 22.96
N SER A 300 -0.86 -12.87 23.43
CA SER A 300 -2.11 -13.13 22.73
C SER A 300 -3.08 -12.00 23.00
N THR A 301 -3.42 -11.24 21.96
CA THR A 301 -4.30 -10.10 22.08
C THR A 301 -4.80 -9.75 20.69
N SER A 302 -6.09 -9.42 20.58
CA SER A 302 -6.68 -9.09 19.29
C SER A 302 -6.32 -7.66 18.87
N ILE A 303 -5.78 -7.53 17.66
CA ILE A 303 -5.38 -6.25 17.11
C ILE A 303 -6.06 -6.11 15.76
N ASP A 304 -7.14 -5.33 15.71
CA ASP A 304 -7.87 -5.06 14.47
CA ASP A 304 -7.84 -5.09 14.46
C ASP A 304 -7.09 -4.04 13.65
N GLY A 305 -6.87 -4.31 12.36
CA GLY A 305 -6.22 -3.28 11.56
C GLY A 305 -6.38 -3.61 10.10
N ILE A 306 -5.75 -2.80 9.26
CA ILE A 306 -5.91 -2.96 7.80
C ILE A 306 -4.58 -3.34 7.15
N ALA A 307 -4.67 -4.19 6.13
CA ALA A 307 -3.52 -4.54 5.28
C ALA A 307 -3.42 -3.48 4.20
N ASP A 308 -2.43 -2.58 4.31
CA ASP A 308 -2.38 -1.35 3.52
C ASP A 308 -1.01 -1.15 2.86
N THR A 309 -0.90 -1.57 1.59
CA THR A 309 0.35 -1.38 0.87
C THR A 309 0.70 0.06 0.64
N GLY A 310 -0.28 0.97 0.72
CA GLY A 310 -0.06 2.36 0.51
C GLY A 310 0.40 3.13 1.73
N THR A 311 0.57 2.48 2.87
CA THR A 311 1.13 3.11 4.07
C THR A 311 2.52 2.50 4.26
N THR A 312 3.51 3.35 4.54
CA THR A 312 4.89 2.86 4.65
C THR A 312 5.13 2.06 5.92
N LEU A 313 4.65 2.58 7.05
CA LEU A 313 5.03 2.08 8.37
C LEU A 313 3.96 1.17 8.97
N LEU A 314 4.29 0.63 10.13
CA LEU A 314 3.41 -0.22 10.92
C LEU A 314 2.88 0.59 12.09
N TYR A 315 1.57 0.85 12.11
CA TYR A 315 0.93 1.67 13.13
C TYR A 315 0.09 0.77 14.01
N LEU A 316 0.42 0.70 15.30
CA LEU A 316 -0.20 -0.20 16.26
C LEU A 316 -0.54 0.53 17.54
N PRO A 317 -1.31 -0.13 18.43
CA PRO A 317 -1.72 0.57 19.65
C PRO A 317 -0.53 1.00 20.46
N ALA A 318 -0.72 2.09 21.20
CA ALA A 318 0.36 2.68 21.98
C ALA A 318 1.01 1.70 22.94
N THR A 319 0.23 0.83 23.56
CA THR A 319 0.81 -0.13 24.49
C THR A 319 1.82 -1.03 23.79
N VAL A 320 1.44 -1.52 22.60
CA VAL A 320 2.31 -2.42 21.82
C VAL A 320 3.58 -1.70 21.41
N VAL A 321 3.43 -0.48 20.90
CA VAL A 321 4.56 0.27 20.38
C VAL A 321 5.52 0.65 21.52
N SER A 322 4.99 1.01 22.69
CA SER A 322 5.84 1.30 23.84
C SER A 322 6.64 0.06 24.26
N ALA A 323 5.98 -1.11 24.25
CA ALA A 323 6.69 -2.34 24.58
C ALA A 323 7.82 -2.62 23.60
N TYR A 324 7.62 -2.33 22.33
CA TYR A 324 8.69 -2.51 21.35
C TYR A 324 9.88 -1.61 21.62
N TRP A 325 9.61 -0.30 21.69
CA TRP A 325 10.71 0.68 21.76
C TRP A 325 11.42 0.65 23.12
N ALA A 326 10.76 0.14 24.16
CA ALA A 326 11.43 -0.07 25.44
C ALA A 326 12.60 -1.02 25.36
N GLN A 327 12.66 -1.84 24.32
CA GLN A 327 13.76 -2.77 24.12
C GLN A 327 14.93 -2.18 23.36
N VAL A 328 14.87 -0.90 22.99
CA VAL A 328 15.90 -0.22 22.23
C VAL A 328 16.49 0.87 23.10
N SER A 329 17.76 0.75 23.50
CA SER A 329 18.37 1.76 24.36
CA SER A 329 18.34 1.76 24.38
C SER A 329 18.38 3.12 23.70
N GLY A 330 17.87 4.12 24.40
CA GLY A 330 17.84 5.47 23.94
C GLY A 330 16.68 5.83 23.07
N ALA A 331 15.80 4.90 22.73
CA ALA A 331 14.63 5.22 21.93
C ALA A 331 13.66 6.07 22.76
N LYS A 332 12.97 7.00 22.09
CA LYS A 332 12.02 7.88 22.75
C LYS A 332 10.98 8.32 21.74
N SER A 333 9.81 8.66 22.25
CA SER A 333 8.81 9.33 21.42
C SER A 333 9.05 10.83 21.39
N SER A 334 9.26 11.36 20.21
CA SER A 334 9.62 12.76 20.01
C SER A 334 8.40 13.50 19.46
N SER A 335 7.86 14.42 20.24
CA SER A 335 6.72 15.21 19.77
CA SER A 335 6.73 15.23 19.78
C SER A 335 7.14 16.11 18.61
N SER A 336 8.37 16.60 18.61
CA SER A 336 8.80 17.51 17.55
C SER A 336 9.06 16.80 16.24
N VAL A 337 9.54 15.55 16.30
CA VAL A 337 9.78 14.80 15.09
C VAL A 337 8.49 14.12 14.62
N GLY A 338 7.60 13.78 15.53
CA GLY A 338 6.34 13.15 15.14
C GLY A 338 6.30 11.64 15.30
N GLY A 339 7.08 11.07 16.20
CA GLY A 339 7.04 9.65 16.44
C GLY A 339 8.25 9.21 17.24
N TYR A 340 8.35 7.90 17.36
CA TYR A 340 9.50 7.28 18.00
C TYR A 340 10.71 7.38 17.12
N VAL A 341 11.80 7.78 17.76
CA VAL A 341 13.13 7.88 17.17
C VAL A 341 14.07 7.07 18.03
N PHE A 342 15.22 6.72 17.46
CA PHE A 342 16.16 5.88 18.18
C PHE A 342 17.56 6.18 17.68
N PRO A 343 18.58 5.82 18.46
CA PRO A 343 19.95 6.09 17.99
C PRO A 343 20.26 5.27 16.74
N CYS A 344 20.81 5.93 15.70
CA CYS A 344 21.13 5.23 14.49
C CYS A 344 22.15 4.11 14.71
N SER A 345 22.91 4.15 15.82
CA SER A 345 23.87 3.10 16.17
C SER A 345 23.21 1.84 16.73
N ALA A 346 21.92 1.88 16.98
CA ALA A 346 21.27 0.73 17.56
C ALA A 346 21.08 -0.42 16.55
N THR A 347 21.10 -1.65 17.08
CA THR A 347 20.60 -2.84 16.38
C THR A 347 19.21 -3.14 16.91
N LEU A 348 18.21 -3.14 16.05
CA LEU A 348 16.82 -3.20 16.46
C LEU A 348 16.38 -4.65 16.64
N PRO A 349 15.52 -4.93 17.60
CA PRO A 349 14.93 -6.27 17.70
C PRO A 349 13.87 -6.49 16.62
N SER A 350 13.61 -7.76 16.33
CA SER A 350 12.51 -8.11 15.45
C SER A 350 11.17 -7.83 16.14
N PHE A 351 10.11 -7.89 15.32
CA PHE A 351 8.74 -7.76 15.80
C PHE A 351 7.91 -8.84 15.13
N THR A 352 7.21 -9.65 15.92
CA THR A 352 6.37 -10.74 15.40
C THR A 352 4.91 -10.38 15.54
N PHE A 353 4.11 -10.58 14.49
CA PHE A 353 2.68 -10.48 14.61
C PHE A 353 2.01 -11.80 14.29
N GLY A 354 0.86 -12.03 14.93
CA GLY A 354 0.13 -13.26 14.73
C GLY A 354 -0.91 -13.16 13.63
N VAL A 355 -1.04 -14.28 12.91
CA VAL A 355 -2.09 -14.49 11.91
C VAL A 355 -2.67 -15.86 12.27
N GLY A 356 -3.82 -15.86 12.95
CA GLY A 356 -4.27 -17.13 13.52
C GLY A 356 -3.18 -17.68 14.42
N SER A 357 -2.91 -18.98 14.26
CA SER A 357 -1.84 -19.59 15.03
CA SER A 357 -1.84 -19.63 15.01
C SER A 357 -0.46 -19.42 14.39
N ALA A 358 -0.38 -18.81 13.22
CA ALA A 358 0.90 -18.58 12.56
C ALA A 358 1.52 -17.26 13.02
N ARG A 359 2.79 -17.09 12.68
CA ARG A 359 3.57 -15.96 13.16
C ARG A 359 4.38 -15.43 11.99
N ILE A 360 4.32 -14.11 11.77
CA ILE A 360 5.16 -13.43 10.79
C ILE A 360 6.18 -12.61 11.56
N VAL A 361 7.46 -12.81 11.22
CA VAL A 361 8.55 -12.13 11.92
C VAL A 361 9.07 -11.01 11.01
N ILE A 362 9.03 -9.78 11.53
CA ILE A 362 9.61 -8.61 10.86
C ILE A 362 11.02 -8.45 11.39
N PRO A 363 12.08 -8.64 10.58
CA PRO A 363 13.43 -8.44 11.12
C PRO A 363 13.63 -7.01 11.56
N GLY A 364 14.51 -6.84 12.59
CA GLY A 364 14.78 -5.53 13.13
C GLY A 364 15.20 -4.51 12.09
N ASP A 365 16.02 -4.92 11.12
N ASP A 365 16.02 -4.92 11.12
CA ASP A 365 16.47 -3.94 10.12
CA ASP A 365 16.48 -3.91 10.16
C ASP A 365 15.30 -3.31 9.36
C ASP A 365 15.37 -3.41 9.22
N TYR A 366 14.20 -4.04 9.21
CA TYR A 366 13.07 -3.53 8.45
C TYR A 366 12.43 -2.34 9.15
N ILE A 367 12.73 -2.15 10.44
CA ILE A 367 12.12 -1.12 11.30
C ILE A 367 12.95 0.15 11.31
N ASP A 368 14.11 0.16 10.63
CA ASP A 368 14.97 1.34 10.58
C ASP A 368 14.63 2.18 9.34
N PHE A 369 14.12 3.40 9.58
CA PHE A 369 13.82 4.34 8.49
C PHE A 369 14.81 5.49 8.41
N GLY A 370 16.00 5.30 8.97
CA GLY A 370 17.11 6.14 8.67
C GLY A 370 17.04 7.50 9.38
N PRO A 371 18.07 8.31 9.16
CA PRO A 371 18.18 9.58 9.88
C PRO A 371 16.95 10.47 9.74
N ILE A 372 16.59 11.17 10.83
CA ILE A 372 15.40 12.00 10.83
C ILE A 372 15.55 13.18 9.90
N SER A 373 16.78 13.64 9.68
CA SER A 373 17.16 14.67 8.74
C SER A 373 18.57 14.30 8.31
N THR A 374 18.97 14.79 7.17
CA THR A 374 20.26 14.41 6.61
C THR A 374 21.40 14.68 7.58
N GLY A 375 22.19 13.67 7.82
CA GLY A 375 23.35 13.81 8.70
C GLY A 375 23.07 13.57 10.17
N SER A 376 21.82 13.38 10.56
CA SER A 376 21.52 13.17 11.97
C SER A 376 21.91 11.76 12.40
N SER A 377 22.23 11.61 13.69
CA SER A 377 22.40 10.29 14.29
C SER A 377 21.18 9.81 15.00
N SER A 378 20.06 10.50 14.88
CA SER A 378 18.77 10.01 15.35
CA SER A 378 18.77 10.02 15.35
C SER A 378 18.00 9.46 14.15
N CYS A 379 17.46 8.28 14.31
CA CYS A 379 16.80 7.55 13.23
C CYS A 379 15.31 7.40 13.52
N PHE A 380 14.51 7.36 12.44
CA PHE A 380 13.07 7.31 12.59
C PHE A 380 12.61 5.85 12.62
N GLY A 381 11.74 5.52 13.60
CA GLY A 381 11.27 4.15 13.74
C GLY A 381 10.18 3.77 12.74
N GLY A 382 10.19 2.49 12.41
CA GLY A 382 9.24 1.94 11.45
C GLY A 382 7.98 1.38 12.08
N ILE A 383 7.91 1.33 13.42
CA ILE A 383 6.74 0.96 14.19
C ILE A 383 6.36 2.22 14.98
N GLN A 384 5.12 2.69 14.79
CA GLN A 384 4.64 3.92 15.36
C GLN A 384 3.25 3.72 15.94
N SER A 385 2.86 4.62 16.86
CA SER A 385 1.55 4.53 17.47
C SER A 385 0.44 4.91 16.51
N SER A 386 -0.65 4.14 16.55
CA SER A 386 -1.85 4.44 15.80
C SER A 386 -2.77 5.39 16.58
N ALA A 387 -2.41 5.78 17.79
N ALA A 387 -2.39 5.82 17.78
CA ALA A 387 -3.27 6.65 18.58
CA ALA A 387 -3.31 6.53 18.66
C ALA A 387 -3.45 7.97 17.85
C ALA A 387 -4.03 7.68 17.96
N GLY A 388 -4.70 8.34 17.60
N GLY A 388 -3.33 8.45 17.15
CA GLY A 388 -5.01 9.54 16.88
CA GLY A 388 -3.89 9.60 16.48
C GLY A 388 -5.33 9.31 15.44
C GLY A 388 -4.55 9.33 15.15
N ILE A 389 -4.99 8.13 14.91
N ILE A 389 -4.78 8.05 14.78
CA ILE A 389 -5.30 7.80 13.53
CA ILE A 389 -5.25 7.66 13.46
C ILE A 389 -6.65 7.09 13.41
C ILE A 389 -6.71 7.22 13.48
N GLY A 390 -7.09 6.41 14.46
CA GLY A 390 -8.41 5.81 14.50
C GLY A 390 -8.45 4.39 13.98
N ILE A 391 -7.32 3.86 13.52
CA ILE A 391 -7.26 2.50 13.03
C ILE A 391 -5.80 2.06 13.10
N ASN A 392 -5.59 0.76 13.33
CA ASN A 392 -4.25 0.20 13.20
C ASN A 392 -3.97 -0.14 11.74
N ILE A 393 -2.73 0.05 11.31
CA ILE A 393 -2.36 -0.08 9.92
C ILE A 393 -1.16 -1.02 9.79
N PHE A 394 -1.39 -2.17 9.18
CA PHE A 394 -0.30 -3.08 8.78
C PHE A 394 0.18 -2.61 7.40
N GLY A 395 1.08 -1.60 7.43
CA GLY A 395 1.66 -1.06 6.24
C GLY A 395 2.85 -1.85 5.76
N ASP A 396 3.66 -1.20 4.89
CA ASP A 396 4.68 -1.94 4.17
C ASP A 396 5.67 -2.63 5.12
N VAL A 397 6.03 -1.99 6.25
CA VAL A 397 6.96 -2.60 7.21
C VAL A 397 6.53 -4.00 7.56
N ALA A 398 5.23 -4.21 7.82
CA ALA A 398 4.72 -5.52 8.14
C ALA A 398 4.56 -6.37 6.89
N LEU A 399 3.94 -5.81 5.83
CA LEU A 399 3.59 -6.62 4.68
C LEU A 399 4.83 -7.14 3.97
N LYS A 400 5.93 -6.39 3.96
CA LYS A 400 7.13 -6.81 3.25
CA LYS A 400 7.09 -6.86 3.22
C LYS A 400 7.79 -8.02 3.88
N ALA A 401 7.45 -8.33 5.13
CA ALA A 401 7.94 -9.54 5.78
C ALA A 401 7.16 -10.78 5.39
N ALA A 402 6.13 -10.62 4.57
CA ALA A 402 5.26 -11.73 4.23
C ALA A 402 4.96 -11.80 2.74
N PHE A 403 4.43 -12.94 2.33
CA PHE A 403 3.72 -13.11 1.08
C PHE A 403 2.25 -12.99 1.43
N VAL A 404 1.54 -12.03 0.83
CA VAL A 404 0.20 -11.66 1.27
C VAL A 404 -0.79 -11.89 0.15
N VAL A 405 -1.82 -12.68 0.42
CA VAL A 405 -2.90 -12.98 -0.50
C VAL A 405 -4.11 -12.12 -0.16
N PHE A 406 -4.57 -11.36 -1.13
CA PHE A 406 -5.80 -10.57 -1.07
C PHE A 406 -6.82 -11.35 -1.86
N ASN A 407 -7.64 -12.14 -1.14
CA ASN A 407 -8.58 -13.06 -1.75
C ASN A 407 -9.91 -12.34 -1.90
N GLY A 408 -10.27 -12.04 -3.15
CA GLY A 408 -11.47 -11.29 -3.47
C GLY A 408 -12.64 -12.12 -3.93
N ALA A 409 -12.72 -13.34 -3.43
CA ALA A 409 -13.91 -14.18 -3.56
C ALA A 409 -15.12 -13.52 -2.90
N THR A 410 -16.28 -14.17 -3.04
CA THR A 410 -17.54 -13.58 -2.58
C THR A 410 -17.46 -13.18 -1.11
N THR A 411 -16.85 -14.02 -0.29
CA THR A 411 -16.44 -13.62 1.05
C THR A 411 -14.95 -13.41 1.06
N PRO A 412 -14.47 -12.16 1.06
CA PRO A 412 -13.03 -11.95 0.99
C PRO A 412 -12.31 -12.46 2.24
N THR A 413 -11.04 -12.85 2.04
CA THR A 413 -10.15 -13.19 3.16
C THR A 413 -8.75 -12.70 2.83
N LEU A 414 -7.88 -12.68 3.84
N LEU A 414 -7.85 -12.84 3.79
CA LEU A 414 -6.47 -12.39 3.64
CA LEU A 414 -6.48 -12.35 3.69
C LEU A 414 -5.68 -13.64 3.99
C LEU A 414 -5.58 -13.51 4.10
N GLY A 415 -4.60 -13.84 3.27
CA GLY A 415 -3.64 -14.88 3.58
C GLY A 415 -2.26 -14.33 3.82
N PHE A 416 -1.53 -14.92 4.77
CA PHE A 416 -0.15 -14.52 5.03
C PHE A 416 0.72 -15.74 5.11
N ALA A 417 1.89 -15.68 4.45
CA ALA A 417 2.92 -16.69 4.54
C ALA A 417 4.24 -16.03 4.83
N SER A 418 5.12 -16.75 5.54
CA SER A 418 6.50 -16.33 5.62
C SER A 418 7.19 -16.56 4.27
N LYS A 419 8.37 -15.95 4.09
CA LYS A 419 9.06 -16.08 2.82
C LYS A 419 10.55 -15.95 2.98
#